data_6YZG
#
_entry.id   6YZG
#
_cell.length_a   100.393
_cell.length_b   100.393
_cell.length_c   63.302
_cell.angle_alpha   90.000
_cell.angle_beta   90.000
_cell.angle_gamma   90.000
#
_symmetry.space_group_name_H-M   'P 41 21 2'
#
loop_
_entity.id
_entity.type
_entity.pdbx_description
1 polymer 'Surface-associated protein CshB'
2 water water
#
_entity_poly.entity_id   1
_entity_poly.type   'polypeptide(L)'
_entity_poly.pdbx_seq_one_letter_code
;WLDFSDSASWKNLDQRGGLKVGTTFTKEISPGYVVTLTVKELKPFNSTEIYKKRVAGTATEGTYDPDAENGFLTSAPYYG
KTPPPSVTGAAQNEWTTIRDQGFNTQKRKTQLVYPMNSTNWGVKFDIEATYLGKRVAPTVVMADGEDANPGEFAIFTTNG
TGWEYMGEWKMKSPAKEAYNVITKKMLDDEDVKRRGLLILKDKSVDWYKYLSPDTVTGGLGSQVFGPNRSNERTVPVVMT
RGASEVGFYVASSGQQAMMMGFLVVAVSDAPESYGEAFHTISTRDSVTNDPINQPYLGTTPADIDVESSNDWVLDDKK
;
_entity_poly.pdbx_strand_id   A
#
# COMPACT_ATOMS: atom_id res chain seq x y z
N TRP A 1 7.12 13.31 8.92
CA TRP A 1 5.80 12.66 8.59
C TRP A 1 4.73 13.14 9.57
N LEU A 2 3.59 13.56 9.10
CA LEU A 2 2.49 14.00 10.01
C LEU A 2 1.94 12.84 10.79
N ASP A 3 1.69 13.11 12.08
CA ASP A 3 1.02 12.20 13.02
C ASP A 3 -0.47 12.45 12.99
N PHE A 4 -1.16 11.71 12.14
CA PHE A 4 -2.60 11.87 12.01
C PHE A 4 -3.35 11.30 13.19
N SER A 5 -2.69 10.62 14.11
CA SER A 5 -3.37 10.01 15.27
C SER A 5 -3.57 11.06 16.37
N ASP A 6 -2.90 12.22 16.31
CA ASP A 6 -3.02 13.25 17.37
C ASP A 6 -4.41 13.89 17.29
N SER A 7 -5.36 13.48 18.14
CA SER A 7 -6.77 13.90 18.00
C SER A 7 -6.91 15.42 18.09
N ALA A 8 -6.11 16.10 18.89
CA ALA A 8 -6.23 17.56 19.06
C ALA A 8 -5.77 18.34 17.82
N SER A 9 -5.13 17.67 16.84
CA SER A 9 -4.69 18.33 15.58
C SER A 9 -5.89 18.48 14.63
N TRP A 10 -6.98 17.78 14.82
CA TRP A 10 -8.15 17.76 13.96
C TRP A 10 -9.24 18.68 14.46
N LYS A 11 -9.87 19.37 13.54
CA LYS A 11 -11.12 20.14 13.83
C LYS A 11 -12.16 19.84 12.78
N ASN A 12 -13.44 19.98 13.17
CA ASN A 12 -14.55 19.93 12.23
C ASN A 12 -14.61 18.56 11.54
N LEU A 13 -14.58 17.52 12.37
CA LEU A 13 -14.82 16.13 11.94
C LEU A 13 -16.31 15.85 11.83
N ASP A 14 -16.67 14.78 11.13
CA ASP A 14 -18.09 14.34 11.00
C ASP A 14 -18.54 13.61 12.28
N GLN A 15 -19.79 13.13 12.28
CA GLN A 15 -20.45 12.41 13.41
C GLN A 15 -19.64 11.16 13.82
N ARG A 16 -18.90 10.55 12.91
CA ARG A 16 -18.15 9.31 13.19
C ARG A 16 -16.66 9.59 13.46
N GLY A 17 -16.31 10.85 13.61
CA GLY A 17 -14.92 11.25 13.87
C GLY A 17 -14.05 11.17 12.62
N GLY A 18 -14.68 11.15 11.46
CA GLY A 18 -13.92 11.14 10.21
C GLY A 18 -13.99 12.44 9.42
N LEU A 19 -13.31 12.44 8.30
CA LEU A 19 -13.15 13.69 7.53
C LEU A 19 -14.45 13.99 6.81
N LYS A 20 -14.69 15.27 6.70
CA LYS A 20 -15.73 15.83 5.81
C LYS A 20 -15.12 17.05 5.09
N VAL A 21 -15.79 17.56 4.07
CA VAL A 21 -15.33 18.80 3.44
C VAL A 21 -15.31 19.91 4.48
N GLY A 22 -14.15 20.53 4.66
CA GLY A 22 -13.96 21.58 5.67
C GLY A 22 -13.30 21.08 6.92
N THR A 23 -13.10 19.77 7.10
CA THR A 23 -12.25 19.28 8.19
C THR A 23 -10.86 19.86 8.06
N THR A 24 -10.23 20.24 9.17
CA THR A 24 -8.84 20.69 9.16
C THR A 24 -7.95 19.82 10.04
N PHE A 25 -6.68 19.77 9.62
CA PHE A 25 -5.59 19.15 10.39
C PHE A 25 -4.54 20.25 10.52
N THR A 26 -4.08 20.59 11.72
CA THR A 26 -3.11 21.66 11.90
C THR A 26 -2.00 21.20 12.86
N LYS A 27 -0.76 21.44 12.49
CA LYS A 27 0.38 21.00 13.30
C LYS A 27 1.50 22.03 13.14
N GLU A 28 2.08 22.44 14.27
CA GLU A 28 3.35 23.15 14.26
C GLU A 28 4.46 22.12 14.21
N ILE A 29 4.96 21.86 13.02
CA ILE A 29 5.87 20.71 12.77
C ILE A 29 7.29 20.99 13.21
N SER A 30 7.62 22.23 13.38
CA SER A 30 8.96 22.69 13.80
C SER A 30 8.67 24.03 14.43
N PRO A 31 9.51 24.56 15.35
CA PRO A 31 9.17 25.82 15.99
C PRO A 31 8.93 26.94 14.97
N GLY A 32 7.78 27.54 15.01
CA GLY A 32 7.43 28.68 14.14
C GLY A 32 6.81 28.22 12.80
N TYR A 33 6.80 26.92 12.50
CA TYR A 33 6.41 26.42 11.15
C TYR A 33 5.10 25.63 11.31
N VAL A 34 4.00 26.21 10.80
CA VAL A 34 2.64 25.68 11.01
C VAL A 34 2.11 25.23 9.65
N VAL A 35 1.67 23.98 9.61
CA VAL A 35 0.98 23.47 8.41
C VAL A 35 -0.49 23.24 8.73
N THR A 36 -1.31 23.65 7.77
CA THR A 36 -2.76 23.46 7.92
C THR A 36 -3.23 22.75 6.67
N LEU A 37 -3.89 21.62 6.82
CA LEU A 37 -4.53 20.88 5.75
C LEU A 37 -6.03 21.10 5.91
N THR A 38 -6.71 21.40 4.82
CA THR A 38 -8.17 21.51 4.81
C THR A 38 -8.74 20.56 3.77
N VAL A 39 -9.69 19.74 4.15
CA VAL A 39 -10.33 18.84 3.17
C VAL A 39 -11.14 19.63 2.17
N LYS A 40 -10.76 19.60 0.88
CA LYS A 40 -11.48 20.35 -0.19
C LYS A 40 -12.51 19.41 -0.82
N GLU A 41 -12.15 18.14 -1.03
CA GLU A 41 -12.98 17.17 -1.78
C GLU A 41 -12.76 15.77 -1.20
N LEU A 42 -13.81 14.97 -1.15
CA LEU A 42 -13.77 13.56 -0.80
C LEU A 42 -14.44 12.80 -1.95
N LYS A 43 -13.68 12.51 -2.97
CA LYS A 43 -14.18 11.89 -4.20
C LYS A 43 -13.11 11.02 -4.79
N PRO A 44 -13.52 9.91 -5.46
CA PRO A 44 -12.56 9.00 -6.07
C PRO A 44 -12.05 9.44 -7.45
N PHE A 45 -11.01 8.76 -7.90
CA PHE A 45 -10.23 9.20 -9.08
C PHE A 45 -11.12 9.25 -10.34
N ASN A 46 -12.11 8.40 -10.44
CA ASN A 46 -13.05 8.35 -11.61
C ASN A 46 -13.93 9.60 -11.66
N SER A 47 -13.85 10.49 -10.69
CA SER A 47 -14.53 11.80 -10.70
C SER A 47 -13.65 12.94 -11.17
N THR A 48 -12.38 12.67 -11.43
CA THR A 48 -11.45 13.79 -11.72
C THR A 48 -11.37 14.15 -13.21
N GLU A 49 -10.94 15.38 -13.47
CA GLU A 49 -10.71 15.84 -14.88
C GLU A 49 -9.55 15.04 -15.47
N ILE A 50 -8.58 14.62 -14.64
CA ILE A 50 -7.48 13.76 -15.10
C ILE A 50 -8.08 12.51 -15.77
N TYR A 51 -8.96 11.84 -15.04
CA TYR A 51 -9.58 10.60 -15.53
C TYR A 51 -10.51 10.90 -16.75
N LYS A 52 -11.25 11.99 -16.65
CA LYS A 52 -12.12 12.44 -17.80
C LYS A 52 -11.28 12.48 -19.06
N LYS A 53 -10.11 13.10 -19.00
CA LYS A 53 -9.25 13.21 -20.21
C LYS A 53 -8.68 11.85 -20.65
N ARG A 54 -8.37 10.97 -19.72
CA ARG A 54 -7.84 9.67 -20.09
C ARG A 54 -8.90 8.82 -20.80
N VAL A 55 -10.18 8.95 -20.44
CA VAL A 55 -11.20 8.06 -21.09
C VAL A 55 -11.84 8.77 -22.29
N ALA A 56 -11.58 10.05 -22.51
CA ALA A 56 -12.27 10.80 -23.60
C ALA A 56 -12.06 10.05 -24.93
N GLY A 57 -13.15 9.87 -25.66
CA GLY A 57 -13.04 9.35 -27.04
C GLY A 57 -12.83 7.85 -27.07
N THR A 58 -13.00 7.15 -25.95
CA THR A 58 -12.91 5.69 -25.87
C THR A 58 -14.27 5.12 -25.50
N ALA A 59 -14.36 3.79 -25.56
CA ALA A 59 -15.55 2.99 -25.28
C ALA A 59 -16.02 3.23 -23.83
N THR A 60 -15.10 3.66 -22.93
CA THR A 60 -15.38 3.77 -21.49
C THR A 60 -15.48 5.26 -21.13
N GLU A 61 -15.69 6.15 -22.09
CA GLU A 61 -15.85 7.57 -21.79
C GLU A 61 -16.96 7.77 -20.77
N GLY A 62 -18.04 6.96 -20.79
CA GLY A 62 -19.19 7.14 -19.92
C GLY A 62 -18.89 6.82 -18.45
N THR A 63 -17.70 6.27 -18.17
CA THR A 63 -17.34 5.90 -16.76
C THR A 63 -16.86 7.14 -16.00
N TYR A 64 -16.54 8.22 -16.69
CA TYR A 64 -16.25 9.48 -15.95
C TYR A 64 -17.49 9.92 -15.22
N ASP A 65 -17.42 10.10 -13.92
CA ASP A 65 -18.62 10.44 -13.12
C ASP A 65 -18.22 11.56 -12.19
N PRO A 66 -18.43 12.86 -12.52
CA PRO A 66 -18.02 13.95 -11.64
C PRO A 66 -18.77 13.93 -10.30
N ASP A 67 -19.88 13.22 -10.23
CA ASP A 67 -20.72 13.10 -8.99
C ASP A 67 -20.42 11.83 -8.18
N ALA A 68 -19.36 11.11 -8.56
CA ALA A 68 -18.98 9.90 -7.80
C ALA A 68 -18.62 10.26 -6.37
N GLU A 69 -18.90 9.34 -5.46
CA GLU A 69 -18.66 9.49 -4.02
C GLU A 69 -17.69 8.40 -3.57
N ASN A 70 -16.95 8.66 -2.52
CA ASN A 70 -16.12 7.63 -1.85
C ASN A 70 -17.00 6.45 -1.46
N GLY A 71 -16.55 5.24 -1.66
CA GLY A 71 -17.32 4.11 -1.14
C GLY A 71 -16.69 2.81 -1.59
N PHE A 72 -17.46 1.73 -1.47
CA PHE A 72 -16.99 0.39 -1.84
C PHE A 72 -16.90 0.18 -3.36
N LEU A 73 -16.01 -0.72 -3.75
CA LEU A 73 -16.08 -1.27 -5.12
C LEU A 73 -17.51 -1.83 -5.34
N THR A 74 -18.08 -1.58 -6.53
CA THR A 74 -19.46 -2.01 -6.77
C THR A 74 -19.51 -3.51 -6.89
N SER A 75 -18.41 -4.21 -7.10
CA SER A 75 -18.33 -5.68 -7.10
C SER A 75 -18.26 -6.26 -5.69
N ALA A 76 -18.01 -5.47 -4.67
CA ALA A 76 -17.90 -5.97 -3.28
C ALA A 76 -19.29 -6.27 -2.72
N PRO A 77 -19.40 -7.28 -1.84
CA PRO A 77 -20.69 -7.53 -1.17
C PRO A 77 -21.17 -6.42 -0.24
N TYR A 78 -20.21 -5.60 0.23
CA TYR A 78 -20.51 -4.46 1.11
C TYR A 78 -21.34 -3.43 0.40
N TYR A 79 -21.14 -3.28 -0.93
CA TYR A 79 -21.69 -2.15 -1.67
C TYR A 79 -23.22 -2.16 -1.58
N GLY A 80 -23.81 -1.10 -1.06
CA GLY A 80 -25.27 -0.97 -0.87
C GLY A 80 -25.79 -1.73 0.36
N LYS A 81 -25.00 -2.55 1.04
CA LYS A 81 -25.46 -3.37 2.21
C LYS A 81 -25.03 -2.71 3.51
N THR A 82 -23.96 -1.93 3.50
CA THR A 82 -23.45 -1.32 4.75
C THR A 82 -22.87 0.05 4.40
N PRO A 83 -22.98 1.05 5.27
CA PRO A 83 -22.50 2.38 4.94
C PRO A 83 -21.00 2.32 4.80
N PRO A 84 -20.43 3.05 3.85
CA PRO A 84 -18.98 3.06 3.78
C PRO A 84 -18.43 3.88 4.93
N PRO A 85 -17.14 3.65 5.19
CA PRO A 85 -16.44 4.30 6.31
C PRO A 85 -16.15 5.76 5.94
N SER A 86 -15.56 6.46 6.89
CA SER A 86 -15.01 7.81 6.69
C SER A 86 -13.49 7.68 6.65
N VAL A 87 -12.88 8.59 5.95
CA VAL A 87 -11.42 8.75 6.00
C VAL A 87 -11.05 9.18 7.41
N THR A 88 -10.03 8.61 7.97
CA THR A 88 -9.70 8.92 9.39
C THR A 88 -8.23 8.68 9.69
N GLY A 89 -7.71 9.40 10.70
CA GLY A 89 -6.38 9.10 11.25
C GLY A 89 -6.48 8.40 12.57
N ALA A 90 -7.70 8.32 13.07
CA ALA A 90 -7.95 7.87 14.45
C ALA A 90 -7.45 6.45 14.56
N ALA A 91 -6.38 6.23 15.33
CA ALA A 91 -5.90 4.85 15.54
C ALA A 91 -7.12 4.10 16.05
N GLN A 92 -7.73 3.29 15.18
CA GLN A 92 -9.01 2.70 15.59
C GLN A 92 -9.24 1.39 14.85
N GLN A 106 3.37 2.85 15.82
CA GLN A 106 3.97 4.09 15.27
C GLN A 106 3.85 4.13 13.73
N LYS A 107 3.80 2.97 13.09
CA LYS A 107 3.53 2.97 11.64
C LYS A 107 2.07 3.40 11.41
N ARG A 108 1.14 2.99 12.28
CA ARG A 108 -0.27 3.39 12.09
CA ARG A 108 -0.26 3.40 12.05
C ARG A 108 -0.40 4.90 12.32
N LYS A 109 0.40 5.49 13.21
CA LYS A 109 0.14 6.89 13.63
C LYS A 109 0.29 7.82 12.41
N THR A 110 1.22 7.54 11.50
CA THR A 110 1.50 8.41 10.36
C THR A 110 0.67 8.00 9.13
N GLN A 111 -0.42 7.29 9.31
CA GLN A 111 -1.23 6.87 8.15
C GLN A 111 -2.62 7.48 8.22
N LEU A 112 -3.15 7.94 7.10
CA LEU A 112 -4.56 8.29 6.93
C LEU A 112 -5.23 7.16 6.15
N VAL A 113 -6.32 6.63 6.70
CA VAL A 113 -6.90 5.40 6.12
C VAL A 113 -8.41 5.54 5.88
N TYR A 114 -8.93 4.60 5.11
CA TYR A 114 -10.38 4.47 4.81
C TYR A 114 -10.63 3.04 5.29
N PRO A 115 -10.96 2.86 6.59
CA PRO A 115 -10.82 1.58 7.25
C PRO A 115 -11.75 0.40 7.02
N MET A 116 -12.10 0.21 5.75
CA MET A 116 -12.70 -1.07 5.34
C MET A 116 -11.98 -1.50 4.07
N ASN A 117 -11.97 -2.79 3.82
CA ASN A 117 -11.43 -3.33 2.56
C ASN A 117 -12.40 -3.08 1.39
N SER A 118 -11.82 -3.09 0.20
CA SER A 118 -12.57 -3.20 -1.07
C SER A 118 -13.28 -1.91 -1.44
N THR A 119 -12.48 -0.85 -1.66
CA THR A 119 -12.98 0.52 -1.84
C THR A 119 -12.34 1.24 -3.00
N ASN A 120 -12.93 2.37 -3.34
CA ASN A 120 -12.47 3.30 -4.38
C ASN A 120 -12.79 4.67 -3.81
N TRP A 121 -11.74 5.37 -3.40
CA TRP A 121 -11.91 6.63 -2.61
C TRP A 121 -10.82 7.61 -2.95
N GLY A 122 -11.00 8.85 -2.50
CA GLY A 122 -9.91 9.84 -2.59
C GLY A 122 -10.19 11.01 -1.68
N VAL A 123 -9.17 11.79 -1.51
CA VAL A 123 -9.21 13.03 -0.70
C VAL A 123 -8.35 14.07 -1.38
N LYS A 124 -8.79 15.32 -1.43
CA LYS A 124 -7.96 16.43 -1.89
C LYS A 124 -7.91 17.46 -0.75
N PHE A 125 -6.69 17.84 -0.44
CA PHE A 125 -6.43 18.84 0.61
C PHE A 125 -5.90 20.15 0.03
N ASP A 126 -6.42 21.24 0.59
CA ASP A 126 -5.82 22.56 0.40
C ASP A 126 -4.70 22.60 1.47
N ILE A 127 -3.54 23.07 1.09
CA ILE A 127 -2.39 23.10 2.02
C ILE A 127 -1.93 24.53 2.20
N GLU A 128 -1.64 24.91 3.43
CA GLU A 128 -1.07 26.22 3.74
C GLU A 128 0.05 26.01 4.76
N ALA A 129 1.20 26.59 4.48
CA ALA A 129 2.32 26.56 5.43
C ALA A 129 2.65 27.98 5.79
N THR A 130 2.88 28.24 7.07
CA THR A 130 3.36 29.56 7.53
C THR A 130 4.62 29.41 8.37
N TYR A 131 5.53 30.36 8.19
CA TYR A 131 6.75 30.40 9.01
C TYR A 131 6.78 31.76 9.71
N LEU A 132 6.65 31.72 11.03
CA LEU A 132 6.54 32.96 11.87
C LEU A 132 5.42 33.83 11.32
N GLY A 133 4.27 33.23 10.97
CA GLY A 133 3.03 33.89 10.56
C GLY A 133 2.97 34.29 9.10
N LYS A 134 4.07 34.14 8.35
CA LYS A 134 4.11 34.51 6.89
C LYS A 134 3.92 33.22 6.06
N ARG A 135 3.12 33.33 5.03
CA ARG A 135 2.91 32.17 4.13
C ARG A 135 4.23 31.84 3.42
N VAL A 136 4.50 30.55 3.31
CA VAL A 136 5.71 30.07 2.61
C VAL A 136 5.32 28.89 1.69
N ALA A 137 6.13 28.70 0.68
CA ALA A 137 5.94 27.55 -0.23
C ALA A 137 6.40 26.31 0.53
N PRO A 138 5.54 25.29 0.67
CA PRO A 138 5.98 24.09 1.38
C PRO A 138 6.68 23.08 0.47
N THR A 139 7.41 22.21 1.09
CA THR A 139 8.06 21.05 0.46
C THR A 139 7.36 19.83 1.04
N VAL A 140 6.54 19.18 0.25
CA VAL A 140 5.63 18.12 0.70
C VAL A 140 6.13 16.79 0.18
N VAL A 141 6.21 15.81 1.08
CA VAL A 141 6.55 14.42 0.68
C VAL A 141 5.34 13.53 0.91
N MET A 142 5.17 12.54 0.04
CA MET A 142 4.01 11.64 0.13
C MET A 142 4.45 10.20 -0.22
N ALA A 143 3.75 9.23 0.38
CA ALA A 143 3.96 7.81 0.11
C ALA A 143 2.68 7.08 0.46
N ASP A 144 2.58 5.86 -0.10
CA ASP A 144 1.58 4.88 0.35
C ASP A 144 2.24 4.05 1.43
N GLY A 145 1.64 4.04 2.61
CA GLY A 145 2.24 3.28 3.73
C GLY A 145 2.04 1.78 3.59
N GLU A 146 1.16 1.33 2.71
CA GLU A 146 0.86 -0.12 2.58
C GLU A 146 1.48 -0.70 1.32
N ASP A 147 1.65 -2.01 1.35
CA ASP A 147 2.14 -2.73 0.15
C ASP A 147 1.00 -2.76 -0.88
N ALA A 148 1.39 -2.83 -2.13
CA ALA A 148 0.46 -2.89 -3.25
C ALA A 148 0.86 -4.02 -4.21
N ASN A 149 -0.08 -4.89 -4.47
CA ASN A 149 0.04 -5.86 -5.56
C ASN A 149 -0.45 -5.17 -6.83
N PRO A 150 -0.33 -5.78 -8.02
CA PRO A 150 -0.68 -5.13 -9.26
C PRO A 150 -2.14 -4.70 -9.42
N GLY A 151 -3.08 -5.17 -8.59
CA GLY A 151 -4.47 -4.70 -8.61
C GLY A 151 -4.81 -3.71 -7.52
N GLU A 152 -3.81 -3.19 -6.84
CA GLU A 152 -4.03 -2.23 -5.71
C GLU A 152 -3.42 -0.90 -6.15
N PHE A 153 -4.21 0.17 -6.19
CA PHE A 153 -3.77 1.45 -6.77
C PHE A 153 -3.75 2.53 -5.70
N ALA A 154 -2.64 3.28 -5.67
CA ALA A 154 -2.57 4.58 -4.96
C ALA A 154 -1.96 5.58 -5.91
N ILE A 155 -2.65 6.70 -6.05
CA ILE A 155 -2.29 7.77 -7.02
C ILE A 155 -2.15 9.06 -6.22
N PHE A 156 -1.15 9.88 -6.52
CA PHE A 156 -0.85 11.15 -5.86
C PHE A 156 -0.95 12.28 -6.88
N THR A 157 -1.65 13.34 -6.53
CA THR A 157 -1.71 14.53 -7.40
C THR A 157 -1.23 15.75 -6.63
N THR A 158 -0.76 16.73 -7.42
CA THR A 158 -0.26 17.98 -6.87
C THR A 158 -0.57 19.13 -7.85
N ASN A 159 -0.71 20.35 -7.32
CA ASN A 159 -0.68 21.55 -8.16
C ASN A 159 0.62 22.31 -7.94
N GLY A 160 1.62 21.70 -7.30
CA GLY A 160 2.97 22.23 -7.18
C GLY A 160 3.91 21.65 -8.19
N THR A 161 5.18 21.60 -7.89
CA THR A 161 6.16 21.07 -8.83
C THR A 161 5.87 19.61 -9.13
N GLY A 162 6.22 19.17 -10.31
CA GLY A 162 6.06 17.77 -10.66
C GLY A 162 6.90 16.88 -9.81
N TRP A 163 6.38 15.70 -9.56
CA TRP A 163 6.93 14.79 -8.54
C TRP A 163 8.39 14.49 -8.74
N GLU A 164 9.13 14.50 -7.67
CA GLU A 164 10.58 14.12 -7.66
C GLU A 164 10.79 12.95 -6.71
N TYR A 165 11.51 11.94 -7.14
CA TYR A 165 11.75 10.75 -6.32
C TYR A 165 12.79 11.04 -5.27
N MET A 166 12.47 10.82 -4.01
CA MET A 166 13.35 11.13 -2.86
C MET A 166 14.13 9.93 -2.36
N GLY A 167 13.69 8.75 -2.63
CA GLY A 167 14.26 7.53 -2.06
C GLY A 167 13.18 6.67 -1.42
N GLU A 168 13.63 5.68 -0.65
CA GLU A 168 12.78 4.62 -0.07
C GLU A 168 12.71 4.86 1.41
N TRP A 169 11.52 4.72 1.97
CA TRP A 169 11.27 4.75 3.42
C TRP A 169 11.08 3.30 3.91
N LYS A 170 11.88 2.93 4.89
CA LYS A 170 11.94 1.56 5.44
C LYS A 170 10.85 1.33 6.47
N MET A 171 10.06 0.28 6.23
CA MET A 171 8.93 -0.17 7.08
C MET A 171 9.34 -1.48 7.78
N ALA A 178 14.05 1.87 -9.80
CA ALA A 178 13.93 2.15 -8.34
C ALA A 178 12.69 1.54 -7.66
N TYR A 179 11.52 1.48 -8.33
CA TYR A 179 10.22 0.85 -7.88
C TYR A 179 9.61 0.29 -9.17
N ASN A 180 8.43 -0.33 -9.10
CA ASN A 180 7.80 -0.88 -10.32
C ASN A 180 6.47 -0.17 -10.68
N VAL A 181 6.37 0.40 -11.88
CA VAL A 181 5.13 1.03 -12.37
C VAL A 181 4.15 -0.06 -12.81
N ILE A 182 2.91 -0.04 -12.36
CA ILE A 182 1.95 -1.09 -12.75
C ILE A 182 1.54 -0.83 -14.18
N THR A 183 1.65 -1.86 -15.00
CA THR A 183 1.22 -1.80 -16.39
C THR A 183 -0.03 -2.62 -16.65
N LYS A 184 -0.67 -2.34 -17.78
CA LYS A 184 -1.84 -3.14 -18.19
C LYS A 184 -1.49 -4.62 -18.25
N LYS A 185 -0.33 -4.98 -18.78
CA LYS A 185 0.08 -6.39 -18.81
C LYS A 185 0.17 -6.98 -17.42
N MET A 186 0.75 -6.27 -16.46
CA MET A 186 0.90 -6.79 -15.09
C MET A 186 -0.50 -6.99 -14.46
N LEU A 187 -1.38 -6.03 -14.69
CA LEU A 187 -2.75 -6.07 -14.11
C LEU A 187 -3.50 -7.27 -14.72
N ASP A 188 -3.39 -7.48 -16.04
CA ASP A 188 -4.13 -8.57 -16.74
C ASP A 188 -3.52 -9.91 -16.33
N ASP A 189 -2.19 -9.99 -16.17
CA ASP A 189 -1.52 -11.22 -15.68
C ASP A 189 -2.02 -11.52 -14.27
N GLU A 190 -2.17 -10.51 -13.41
CA GLU A 190 -2.64 -10.74 -12.02
C GLU A 190 -4.09 -11.18 -12.08
N ASP A 191 -4.88 -10.68 -13.01
CA ASP A 191 -6.31 -11.06 -13.16
C ASP A 191 -6.43 -12.57 -13.45
N VAL A 192 -5.59 -13.04 -14.37
CA VAL A 192 -5.63 -14.47 -14.82
C VAL A 192 -5.06 -15.33 -13.69
N LYS A 193 -3.97 -14.90 -13.07
CA LYS A 193 -3.31 -15.63 -11.96
C LYS A 193 -4.30 -15.90 -10.82
N ARG A 194 -5.07 -14.90 -10.37
CA ARG A 194 -6.07 -15.00 -9.28
C ARG A 194 -7.42 -15.49 -9.82
N ARG A 195 -7.55 -15.71 -11.10
CA ARG A 195 -8.87 -16.17 -11.63
C ARG A 195 -9.98 -15.16 -11.30
N GLY A 196 -9.64 -13.89 -11.43
CA GLY A 196 -10.59 -12.78 -11.43
C GLY A 196 -10.39 -11.88 -10.24
N LEU A 197 -9.70 -10.75 -10.42
CA LEU A 197 -9.49 -9.76 -9.35
C LEU A 197 -10.83 -9.14 -9.03
N LEU A 198 -11.14 -8.93 -7.76
CA LEU A 198 -12.37 -8.25 -7.36
C LEU A 198 -12.51 -6.86 -8.02
N ILE A 199 -11.42 -6.10 -8.06
CA ILE A 199 -11.44 -4.71 -8.54
C ILE A 199 -11.92 -4.69 -10.02
N LEU A 200 -11.41 -5.62 -10.85
CA LEU A 200 -11.75 -5.60 -12.29
C LEU A 200 -13.16 -6.10 -12.53
N LYS A 201 -13.75 -6.72 -11.53
CA LYS A 201 -15.18 -7.06 -11.61
C LYS A 201 -16.08 -5.84 -11.43
N ASP A 202 -15.59 -4.71 -10.94
CA ASP A 202 -16.36 -3.47 -10.85
C ASP A 202 -16.32 -2.82 -12.22
N LYS A 203 -17.43 -2.88 -12.92
CA LYS A 203 -17.52 -2.38 -14.30
C LYS A 203 -17.95 -0.92 -14.36
N SER A 204 -18.08 -0.23 -13.23
CA SER A 204 -18.44 1.19 -13.18
C SER A 204 -17.22 2.08 -13.52
N VAL A 205 -16.02 1.54 -13.54
CA VAL A 205 -14.76 2.28 -13.77
C VAL A 205 -13.90 1.55 -14.81
N ASP A 206 -13.16 2.28 -15.61
CA ASP A 206 -12.11 1.77 -16.49
C ASP A 206 -10.78 1.74 -15.74
N TRP A 207 -10.48 0.65 -15.05
CA TRP A 207 -9.31 0.58 -14.16
C TRP A 207 -8.06 0.72 -14.99
N TYR A 208 -8.05 0.35 -16.27
CA TYR A 208 -6.82 0.51 -17.08
C TYR A 208 -6.44 1.98 -17.15
N LYS A 209 -7.39 2.88 -17.00
CA LYS A 209 -7.11 4.35 -17.05
C LYS A 209 -6.84 4.87 -15.62
N TYR A 210 -6.77 4.05 -14.59
CA TYR A 210 -6.09 4.40 -13.31
C TYR A 210 -4.59 4.26 -13.49
N LEU A 211 -4.10 3.40 -14.38
CA LEU A 211 -2.68 3.15 -14.52
C LEU A 211 -1.98 4.38 -15.06
N SER A 212 -0.71 4.51 -14.72
CA SER A 212 0.07 5.66 -15.23
C SER A 212 0.22 5.57 -16.73
N PRO A 213 0.09 6.68 -17.44
CA PRO A 213 0.47 6.75 -18.86
C PRO A 213 1.97 6.54 -19.05
N ASP A 214 2.77 6.81 -18.01
CA ASP A 214 4.25 6.76 -18.02
C ASP A 214 4.65 5.43 -17.41
N THR A 215 4.84 4.43 -18.28
CA THR A 215 5.21 3.07 -17.80
C THR A 215 6.66 2.97 -17.35
N VAL A 216 7.48 4.01 -17.55
CA VAL A 216 8.91 3.98 -17.21
C VAL A 216 9.14 4.49 -15.80
N THR A 217 8.58 5.69 -15.50
CA THR A 217 8.81 6.30 -14.18
C THR A 217 7.52 6.44 -13.37
N GLY A 218 6.35 6.23 -13.98
CA GLY A 218 5.11 6.32 -13.19
C GLY A 218 4.74 7.72 -12.82
N GLY A 219 5.28 8.73 -13.51
CA GLY A 219 4.83 10.09 -13.38
C GLY A 219 5.83 11.06 -12.78
N LEU A 220 7.10 10.71 -12.64
CA LEU A 220 8.08 11.70 -12.16
C LEU A 220 8.10 12.86 -13.17
N GLY A 221 8.21 14.08 -12.65
CA GLY A 221 8.21 15.24 -13.53
C GLY A 221 6.86 15.51 -14.14
N SER A 222 5.80 14.99 -13.56
CA SER A 222 4.42 15.35 -13.85
C SER A 222 3.70 15.58 -12.54
N GLN A 223 2.44 15.94 -12.62
CA GLN A 223 1.66 16.22 -11.41
C GLN A 223 0.83 15.00 -10.97
N VAL A 224 1.03 13.84 -11.57
CA VAL A 224 0.31 12.61 -11.19
C VAL A 224 1.32 11.50 -11.02
N PHE A 225 1.44 10.87 -9.86
CA PHE A 225 2.37 9.79 -9.56
C PHE A 225 1.63 8.52 -9.19
N GLY A 226 2.10 7.44 -9.76
CA GLY A 226 1.52 6.12 -9.47
C GLY A 226 0.43 5.76 -10.45
N PRO A 227 -0.21 4.59 -10.28
CA PRO A 227 0.08 3.66 -9.22
C PRO A 227 1.28 2.75 -9.47
N ASN A 228 2.00 2.50 -8.40
CA ASN A 228 3.18 1.60 -8.45
C ASN A 228 3.12 0.52 -7.37
N ARG A 229 4.19 -0.26 -7.36
CA ARG A 229 4.51 -1.25 -6.29
C ARG A 229 6.01 -1.26 -6.06
N SER A 230 6.42 -1.36 -4.80
CA SER A 230 7.85 -1.48 -4.38
C SER A 230 8.40 -2.78 -4.95
N ASN A 231 9.67 -2.78 -5.39
CA ASN A 231 10.31 -3.85 -6.23
C ASN A 231 11.44 -4.55 -5.46
N GLU A 232 11.75 -4.13 -4.23
CA GLU A 232 12.87 -4.76 -3.49
C GLU A 232 12.29 -5.64 -2.38
N ARG A 233 12.45 -6.95 -2.53
CA ARG A 233 12.11 -7.96 -1.50
C ARG A 233 13.36 -8.77 -1.14
N THR A 234 13.32 -9.36 0.05
CA THR A 234 14.35 -10.33 0.47
C THR A 234 13.67 -11.60 0.93
N VAL A 235 14.47 -12.66 0.96
CA VAL A 235 14.02 -14.00 1.40
C VAL A 235 15.00 -14.48 2.46
N PRO A 236 14.45 -15.07 3.50
CA PRO A 236 15.29 -15.61 4.57
C PRO A 236 15.92 -16.93 4.08
N VAL A 237 17.16 -17.14 4.52
CA VAL A 237 17.97 -18.32 4.14
C VAL A 237 18.30 -19.09 5.40
N VAL A 238 18.09 -20.38 5.38
CA VAL A 238 18.47 -21.29 6.47
C VAL A 238 19.43 -22.33 5.95
N MET A 239 20.18 -22.90 6.90
CA MET A 239 21.24 -23.87 6.62
C MET A 239 21.11 -25.13 7.48
N THR A 240 21.42 -26.25 6.85
CA THR A 240 21.49 -27.57 7.54
C THR A 240 22.78 -28.25 7.12
N ARG A 241 23.48 -28.87 8.05
CA ARG A 241 24.75 -29.57 7.74
C ARG A 241 24.59 -31.07 8.00
N GLY A 242 25.28 -31.89 7.19
CA GLY A 242 25.22 -33.33 7.39
C GLY A 242 23.88 -33.94 7.05
N ALA A 243 23.07 -33.31 6.20
CA ALA A 243 21.82 -33.90 5.72
C ALA A 243 22.11 -34.92 4.63
N SER A 244 21.41 -36.01 4.65
CA SER A 244 21.26 -36.90 3.49
C SER A 244 19.85 -36.83 2.90
N GLU A 245 18.92 -36.12 3.56
CA GLU A 245 17.54 -35.96 3.04
C GLU A 245 17.08 -34.54 3.37
N VAL A 246 16.56 -33.84 2.38
CA VAL A 246 15.90 -32.55 2.64
C VAL A 246 14.58 -32.56 1.92
N GLY A 247 13.57 -31.97 2.54
CA GLY A 247 12.19 -31.86 1.96
C GLY A 247 11.78 -30.43 1.84
N PHE A 248 10.90 -30.18 0.89
CA PHE A 248 10.32 -28.88 0.62
C PHE A 248 8.86 -29.10 0.35
N TYR A 249 8.02 -28.35 1.06
CA TYR A 249 6.55 -28.56 0.97
C TYR A 249 5.88 -27.22 0.79
N VAL A 250 4.90 -27.17 -0.09
CA VAL A 250 4.20 -25.90 -0.41
C VAL A 250 2.71 -26.13 -0.39
N ALA A 251 1.99 -25.16 0.14
CA ALA A 251 0.53 -25.07 -0.15
C ALA A 251 0.25 -23.59 -0.36
N SER A 252 -0.34 -23.23 -1.48
CA SER A 252 -0.48 -21.81 -1.84
C SER A 252 -1.61 -21.65 -2.85
N SER A 253 -2.37 -20.56 -2.72
CA SER A 253 -3.31 -20.17 -3.81
C SER A 253 -2.55 -19.68 -5.01
N GLY A 254 -1.32 -19.25 -4.82
CA GLY A 254 -0.38 -18.81 -5.86
C GLY A 254 0.61 -19.94 -6.14
N GLN A 255 1.84 -19.50 -6.22
CA GLN A 255 3.01 -20.40 -6.40
C GLN A 255 4.12 -20.00 -5.48
N GLN A 256 4.84 -21.00 -4.97
CA GLN A 256 6.08 -20.75 -4.23
C GLN A 256 7.19 -21.41 -5.02
N ALA A 257 8.41 -21.28 -4.60
CA ALA A 257 9.53 -21.85 -5.38
C ALA A 257 10.67 -22.26 -4.50
N MET A 258 11.27 -23.42 -4.73
CA MET A 258 12.41 -23.88 -3.93
C MET A 258 13.70 -23.32 -4.50
N MET A 259 14.52 -22.80 -3.62
CA MET A 259 15.93 -22.52 -3.91
C MET A 259 16.76 -23.43 -3.00
N MET A 260 17.80 -24.02 -3.54
CA MET A 260 18.68 -24.91 -2.75
C MET A 260 20.11 -24.61 -3.19
N GLY A 261 21.02 -24.48 -2.25
CA GLY A 261 22.43 -24.26 -2.55
C GLY A 261 23.29 -25.01 -1.58
N PHE A 262 24.57 -25.03 -1.92
CA PHE A 262 25.60 -25.73 -1.15
C PHE A 262 26.72 -24.75 -0.88
N LEU A 263 27.29 -24.85 0.32
CA LEU A 263 28.50 -24.07 0.67
C LEU A 263 29.67 -25.07 0.69
N VAL A 264 30.79 -24.69 0.08
CA VAL A 264 31.96 -25.63 0.02
C VAL A 264 33.21 -25.07 0.72
N VAL A 265 33.18 -23.85 1.18
CA VAL A 265 34.36 -23.18 1.82
C VAL A 265 35.00 -24.08 2.88
N ALA A 266 34.20 -24.78 3.70
CA ALA A 266 34.83 -25.55 4.78
C ALA A 266 34.83 -27.05 4.54
N VAL A 267 35.10 -27.49 3.30
CA VAL A 267 35.14 -28.94 2.96
C VAL A 267 36.34 -29.62 3.67
N SER A 268 37.48 -28.92 3.84
CA SER A 268 38.75 -29.49 4.39
C SER A 268 38.48 -30.37 5.63
N ASP A 269 37.84 -29.82 6.67
CA ASP A 269 37.62 -30.47 7.99
C ASP A 269 36.18 -31.00 8.10
N ALA A 270 35.46 -31.11 6.97
CA ALA A 270 34.13 -31.74 6.89
C ALA A 270 34.25 -33.23 7.19
N PRO A 271 33.40 -33.78 8.05
CA PRO A 271 33.38 -35.23 8.25
C PRO A 271 32.85 -35.96 7.01
N GLU A 272 33.08 -37.28 6.98
CA GLU A 272 32.58 -38.16 5.90
C GLU A 272 31.04 -38.18 5.99
N SER A 273 30.53 -38.26 7.20
CA SER A 273 29.07 -38.45 7.45
C SER A 273 28.77 -38.00 8.86
N TYR A 274 27.52 -37.62 9.14
CA TYR A 274 27.02 -37.43 10.52
C TYR A 274 26.53 -38.75 11.13
N GLY A 275 26.45 -39.81 10.31
CA GLY A 275 26.14 -41.19 10.75
C GLY A 275 24.69 -41.59 10.48
N GLU A 276 24.48 -42.88 10.15
CA GLU A 276 23.14 -43.52 10.03
C GLU A 276 22.34 -43.36 11.34
N ALA A 277 23.00 -43.47 12.50
CA ALA A 277 22.35 -43.34 13.83
C ALA A 277 21.63 -41.98 13.93
N PHE A 278 22.33 -40.91 13.57
CA PHE A 278 21.76 -39.53 13.54
C PHE A 278 20.69 -39.43 12.44
N HIS A 279 21.02 -39.85 11.23
CA HIS A 279 20.14 -39.66 10.06
C HIS A 279 18.79 -40.36 10.23
N THR A 280 18.72 -41.49 10.96
CA THR A 280 17.47 -42.31 11.02
C THR A 280 16.57 -41.92 12.21
N ILE A 281 16.95 -40.97 13.07
CA ILE A 281 16.06 -40.49 14.16
C ILE A 281 14.85 -39.86 13.46
N SER A 282 13.63 -40.01 13.96
CA SER A 282 12.44 -39.43 13.31
C SER A 282 12.69 -37.92 13.21
N THR A 283 12.11 -37.28 12.19
CA THR A 283 12.23 -35.80 11.99
C THR A 283 11.87 -35.12 13.31
N ARG A 284 12.73 -34.22 13.80
CA ARG A 284 12.51 -33.53 15.07
C ARG A 284 11.74 -32.23 14.78
N ASP A 285 10.44 -32.23 15.08
CA ASP A 285 9.61 -31.04 14.92
C ASP A 285 10.04 -29.93 15.83
N SER A 286 9.63 -28.73 15.46
CA SER A 286 9.90 -27.55 16.27
C SER A 286 9.18 -27.62 17.62
N VAL A 287 9.79 -27.08 18.66
CA VAL A 287 9.09 -26.98 19.97
C VAL A 287 7.84 -26.10 19.84
N THR A 288 6.82 -26.43 20.64
CA THR A 288 5.66 -25.54 20.81
C THR A 288 6.06 -24.32 21.65
N ASN A 289 6.04 -23.14 21.06
CA ASN A 289 6.47 -21.90 21.75
C ASN A 289 5.49 -20.81 21.27
N ASP A 290 4.58 -20.43 22.15
CA ASP A 290 3.60 -19.36 21.80
C ASP A 290 3.48 -18.39 22.98
N PRO A 291 4.34 -17.36 23.07
CA PRO A 291 4.37 -16.40 24.19
C PRO A 291 3.08 -15.58 24.40
N ILE A 292 2.29 -15.43 23.37
CA ILE A 292 0.97 -14.74 23.49
C ILE A 292 -0.01 -15.68 24.22
N ASN A 293 0.07 -16.90 24.10
CA ASN A 293 -0.71 -17.93 24.81
C ASN A 293 -0.05 -18.26 26.14
N GLN A 294 1.13 -18.47 26.15
CA GLN A 294 1.79 -18.91 27.40
C GLN A 294 3.04 -18.05 27.56
N PRO A 295 2.96 -16.87 28.19
CA PRO A 295 4.10 -15.96 28.25
C PRO A 295 5.43 -16.51 28.80
N TYR A 296 5.37 -17.42 29.77
CA TYR A 296 6.59 -17.97 30.42
C TYR A 296 6.51 -19.50 30.55
N LEU A 297 7.68 -20.13 30.55
CA LEU A 297 7.83 -21.60 30.69
C LEU A 297 7.48 -22.00 32.12
N GLY A 298 7.71 -21.06 33.01
CA GLY A 298 7.41 -21.19 34.43
C GLY A 298 8.19 -20.15 35.19
#